data_8DUD
#
_entry.id   8DUD
#
_cell.length_a   58.775
_cell.length_b   58.775
_cell.length_c   276.784
_cell.angle_alpha   90.000
_cell.angle_beta   90.000
_cell.angle_gamma   120.000
#
_symmetry.space_group_name_H-M   'P 65 2 2'
#
loop_
_entity.id
_entity.type
_entity.pdbx_description
1 polymer 'Estrogen receptor'
2 non-polymer "[(1'R)-6'-hydroxy-1'-(4-{[(3R)-1-propylpyrrolidin-3-yl]methoxy}phenyl)-1',4'-dihydro-2'H-spiro[cyclopropane-1,3'-isoquinolin]-2'-yl](phenyl)methanone"
3 water water
#
_entity_poly.entity_id   1
_entity_poly.type   'polypeptide(L)'
_entity_poly.pdbx_seq_one_letter_code
;MSKKNSLALSLTADQMVSALLDAEPPILYSEYDPTRPFSEASMMGLLTNLADRELVHMINWAKRVPGFVDLTLHDQVHLL
ESAWLEILMIGLVWRSMEHPGKLLFAPNLLLDRNQGKSVEGMVEIFDMLLATSSRFRMMNLQGEEFVCLKSIILLNSGVY
TFLSSTLKSLEEKDHIHRVLDKITDTLIHLMAKAGLTLQQQHQRLAQLLLILSHIRHMSNKGMEHLYSMKSKNVVPSYDL
LLEMLDAHRLHAPTS
;
_entity_poly.pdbx_strand_id   A
#
loop_
_chem_comp.id
_chem_comp.type
_chem_comp.name
_chem_comp.formula
TV3 non-polymer [(1'R)-6'-hydroxy-1'-(4-{[(3R)-1-propylpyrrolidin-3-yl]methoxy}phenyl)-1',4'-dihydro-2'H-spiro[cyclopropane-1,3'-isoquinolin]-2'-yl](phenyl)methanone 'C32 H36 N2 O3'
#
# COMPACT_ATOMS: atom_id res chain seq x y z
N SER A 10 6.20 18.70 10.16
CA SER A 10 7.39 19.59 10.32
C SER A 10 8.63 18.75 10.65
N LEU A 11 8.55 17.44 10.45
CA LEU A 11 9.70 16.57 10.80
C LEU A 11 10.79 16.59 9.73
N THR A 12 11.94 16.01 10.02
CA THR A 12 12.99 15.93 8.99
C THR A 12 12.79 14.67 8.15
N ALA A 13 13.60 14.52 7.11
CA ALA A 13 13.51 13.39 6.19
C ALA A 13 13.83 12.11 6.95
N ASP A 14 14.93 12.11 7.69
CA ASP A 14 15.29 10.92 8.47
C ASP A 14 14.25 10.62 9.56
N GLN A 15 13.64 11.66 10.12
CA GLN A 15 12.56 11.45 11.09
C GLN A 15 11.31 10.88 10.43
N MET A 16 10.97 11.39 9.24
CA MET A 16 9.88 10.83 8.45
C MET A 16 10.07 9.33 8.24
N VAL A 17 11.26 8.93 7.81
CA VAL A 17 11.53 7.53 7.50
C VAL A 17 11.44 6.68 8.76
N SER A 18 12.06 7.15 9.85
CA SER A 18 12.00 6.40 11.10
C SER A 18 10.56 6.16 11.53
N ALA A 19 9.73 7.20 11.51
CA ALA A 19 8.33 7.05 11.93
C ALA A 19 7.61 6.06 11.02
N LEU A 20 7.85 6.13 9.71
CA LEU A 20 7.15 5.24 8.79
C LEU A 20 7.58 3.80 8.99
N LEU A 21 8.88 3.57 9.15
CA LEU A 21 9.37 2.23 9.42
C LEU A 21 8.80 1.70 10.73
N ASP A 22 8.72 2.55 11.76
CA ASP A 22 8.20 2.08 13.05
C ASP A 22 6.72 1.71 12.95
N ALA A 23 5.97 2.37 12.06
CA ALA A 23 4.54 2.20 11.91
C ALA A 23 4.15 0.96 11.12
N GLU A 24 5.11 0.23 10.56
CA GLU A 24 4.79 -0.87 9.65
C GLU A 24 3.87 -1.89 10.33
N PRO A 25 2.85 -2.38 9.64
CA PRO A 25 1.96 -3.39 10.25
C PRO A 25 2.70 -4.72 10.41
N PRO A 26 2.19 -5.63 11.22
CA PRO A 26 2.83 -6.94 11.32
C PRO A 26 2.49 -7.80 10.11
N ILE A 27 3.27 -8.86 9.94
CA ILE A 27 3.02 -9.80 8.85
C ILE A 27 2.18 -10.92 9.43
N LEU A 28 0.94 -10.99 8.98
CA LEU A 28 0.00 -11.97 9.50
C LEU A 28 0.12 -13.30 8.79
N TYR A 29 -0.39 -14.32 9.46
CA TYR A 29 -0.40 -15.69 8.98
C TYR A 29 -1.80 -16.07 8.53
N SER A 30 -1.87 -16.97 7.56
CA SER A 30 -3.13 -17.58 7.18
C SER A 30 -3.56 -18.57 8.27
N GLU A 31 -4.87 -18.70 8.49
CA GLU A 31 -5.34 -19.52 9.60
C GLU A 31 -5.64 -20.99 9.23
N TYR A 32 -5.17 -21.48 8.09
CA TYR A 32 -5.42 -22.88 7.74
C TYR A 32 -4.65 -23.82 8.67
N ASP A 33 -5.27 -24.95 9.02
CA ASP A 33 -4.65 -25.94 9.88
C ASP A 33 -3.55 -26.66 9.11
N PRO A 34 -2.29 -26.58 9.56
CA PRO A 34 -1.20 -27.14 8.74
C PRO A 34 -1.20 -28.65 8.67
N THR A 35 -1.76 -29.33 9.66
CA THR A 35 -1.81 -30.78 9.70
C THR A 35 -2.93 -31.37 8.85
N ARG A 36 -3.77 -30.55 8.23
CA ARG A 36 -4.88 -30.99 7.41
C ARG A 36 -4.58 -30.80 5.93
N PRO A 37 -5.21 -31.58 5.05
CA PRO A 37 -4.94 -31.45 3.61
C PRO A 37 -5.14 -30.03 3.12
N PHE A 38 -4.36 -29.64 2.11
CA PHE A 38 -4.47 -28.30 1.55
C PHE A 38 -5.57 -28.25 0.48
N SER A 42 -10.29 -24.07 -1.11
CA SER A 42 -10.56 -23.22 0.06
C SER A 42 -9.79 -21.92 0.01
N MET A 43 -9.32 -21.57 -1.20
CA MET A 43 -8.30 -20.54 -1.36
C MET A 43 -8.85 -19.15 -1.10
N MET A 44 -9.95 -18.80 -1.75
CA MET A 44 -10.47 -17.45 -1.62
C MET A 44 -10.93 -17.18 -0.19
N GLY A 45 -11.38 -18.21 0.52
CA GLY A 45 -11.71 -18.05 1.92
C GLY A 45 -10.48 -17.66 2.73
N LEU A 46 -9.35 -18.27 2.42
CA LEU A 46 -8.12 -17.96 3.17
C LEU A 46 -7.66 -16.53 2.85
N LEU A 47 -7.74 -16.14 1.59
CA LEU A 47 -7.28 -14.81 1.14
C LEU A 47 -8.22 -13.74 1.68
N THR A 48 -9.51 -14.03 1.77
CA THR A 48 -10.44 -13.03 2.35
C THR A 48 -10.21 -12.91 3.85
N ASN A 49 -10.00 -14.02 4.53
CA ASN A 49 -9.77 -13.95 6.00
C ASN A 49 -8.51 -13.13 6.26
N LEU A 50 -7.46 -13.36 5.49
CA LEU A 50 -6.20 -12.63 5.67
C LEU A 50 -6.47 -11.13 5.47
N ALA A 51 -7.10 -10.81 4.36
CA ALA A 51 -7.37 -9.40 4.05
C ALA A 51 -8.21 -8.75 5.15
N ASP A 52 -9.22 -9.46 5.65
CA ASP A 52 -10.03 -8.98 6.76
C ASP A 52 -9.17 -8.60 7.96
N ARG A 53 -8.28 -9.51 8.39
CA ARG A 53 -7.43 -9.22 9.56
C ARG A 53 -6.39 -8.14 9.28
N GLU A 54 -5.87 -8.04 8.06
CA GLU A 54 -4.92 -6.96 7.79
C GLU A 54 -5.57 -5.59 7.80
N LEU A 55 -6.84 -5.48 7.44
CA LEU A 55 -7.50 -4.18 7.43
C LEU A 55 -7.38 -3.48 8.79
N VAL A 56 -7.59 -4.22 9.88
CA VAL A 56 -7.55 -3.61 11.20
C VAL A 56 -6.17 -3.00 11.46
N HIS A 57 -5.12 -3.74 11.10
CA HIS A 57 -3.76 -3.24 11.28
C HIS A 57 -3.46 -2.12 10.29
N MET A 58 -4.10 -2.13 9.13
CA MET A 58 -3.87 -1.04 8.19
C MET A 58 -4.48 0.26 8.68
N ILE A 59 -5.55 0.18 9.47
CA ILE A 59 -6.07 1.41 10.09
C ILE A 59 -5.09 1.94 11.14
N ASN A 60 -4.47 1.05 11.92
CA ASN A 60 -3.52 1.53 12.90
C ASN A 60 -2.33 2.16 12.24
N TRP A 61 -1.91 1.58 11.11
CA TRP A 61 -0.81 2.11 10.34
C TRP A 61 -1.16 3.49 9.78
N ALA A 62 -2.34 3.62 9.19
CA ALA A 62 -2.71 4.89 8.56
C ALA A 62 -2.69 6.02 9.57
N LYS A 63 -3.18 5.76 10.79
CA LYS A 63 -3.19 6.82 11.79
C LYS A 63 -1.78 7.24 12.18
N ARG A 64 -0.76 6.44 11.87
CA ARG A 64 0.63 6.79 12.18
C ARG A 64 1.39 7.41 11.01
N VAL A 65 0.77 7.51 9.85
CA VAL A 65 1.38 8.20 8.71
C VAL A 65 1.31 9.69 9.04
N PRO A 66 2.45 10.37 9.18
CA PRO A 66 2.41 11.76 9.64
C PRO A 66 1.45 12.58 8.80
N GLY A 67 0.62 13.37 9.46
CA GLY A 67 -0.35 14.20 8.78
C GLY A 67 -1.72 13.59 8.56
N PHE A 68 -1.86 12.26 8.62
CA PHE A 68 -3.14 11.62 8.31
C PHE A 68 -4.21 11.95 9.35
N VAL A 69 -3.88 11.87 10.64
CA VAL A 69 -4.91 12.14 11.64
C VAL A 69 -5.24 13.61 11.76
N ASP A 70 -4.48 14.49 11.09
CA ASP A 70 -4.87 15.89 11.05
C ASP A 70 -6.10 16.11 10.19
N LEU A 71 -6.49 15.14 9.36
CA LEU A 71 -7.62 15.29 8.46
C LEU A 71 -8.92 15.05 9.23
N THR A 72 -10.07 15.44 8.65
CA THR A 72 -11.37 15.07 9.23
C THR A 72 -11.54 13.56 9.19
N LEU A 73 -12.34 13.02 10.12
CA LEU A 73 -12.65 11.59 10.08
C LEU A 73 -13.26 11.20 8.74
N HIS A 74 -14.20 12.00 8.23
CA HIS A 74 -14.79 11.70 6.93
C HIS A 74 -13.73 11.61 5.83
N ASP A 75 -12.74 12.51 5.86
CA ASP A 75 -11.69 12.46 4.84
C ASP A 75 -10.74 11.29 5.05
N GLN A 76 -10.42 10.96 6.30
CA GLN A 76 -9.63 9.74 6.53
C GLN A 76 -10.34 8.53 5.95
N VAL A 77 -11.65 8.40 6.20
CA VAL A 77 -12.40 7.24 5.70
C VAL A 77 -12.39 7.20 4.18
N HIS A 78 -12.54 8.35 3.54
CA HIS A 78 -12.57 8.38 2.08
C HIS A 78 -11.23 7.94 1.52
N LEU A 79 -10.14 8.39 2.15
CA LEU A 79 -8.81 8.02 1.67
C LEU A 79 -8.56 6.53 1.83
N LEU A 80 -8.97 5.97 2.97
CA LEU A 80 -8.81 4.54 3.18
C LEU A 80 -9.70 3.73 2.26
N GLU A 81 -10.95 4.15 2.09
CA GLU A 81 -11.84 3.42 1.19
C GLU A 81 -11.29 3.34 -0.23
N SER A 82 -10.60 4.41 -0.69
N SER A 82 -10.63 4.41 -0.70
CA SER A 82 -10.14 4.42 -2.07
CA SER A 82 -10.15 4.38 -2.07
C SER A 82 -8.83 3.66 -2.22
C SER A 82 -8.87 3.56 -2.19
N ALA A 83 -8.05 3.55 -1.14
CA ALA A 83 -6.68 3.03 -1.19
C ALA A 83 -6.53 1.62 -0.65
N TRP A 84 -7.52 1.06 0.05
CA TRP A 84 -7.20 -0.13 0.85
C TRP A 84 -6.70 -1.28 -0.02
N LEU A 85 -7.21 -1.45 -1.24
CA LEU A 85 -6.78 -2.66 -2.01
C LEU A 85 -5.38 -2.41 -2.54
N GLU A 86 -5.11 -1.17 -2.95
CA GLU A 86 -3.74 -0.86 -3.40
C GLU A 86 -2.72 -1.07 -2.30
N ILE A 87 -3.08 -0.75 -1.05
N ILE A 87 -3.09 -0.75 -1.06
CA ILE A 87 -2.17 -0.92 0.07
CA ILE A 87 -2.15 -0.91 0.05
C ILE A 87 -1.89 -2.39 0.32
C ILE A 87 -1.89 -2.39 0.35
N LEU A 88 -2.94 -3.22 0.34
CA LEU A 88 -2.75 -4.66 0.50
C LEU A 88 -1.88 -5.20 -0.63
N MET A 89 -2.12 -4.71 -1.84
CA MET A 89 -1.39 -5.23 -3.01
C MET A 89 0.07 -4.80 -3.00
N ILE A 90 0.39 -3.55 -2.69
CA ILE A 90 1.80 -3.17 -2.65
C ILE A 90 2.52 -3.91 -1.51
N GLY A 91 1.82 -4.15 -0.38
CA GLY A 91 2.42 -4.95 0.70
C GLY A 91 2.75 -6.36 0.25
N LEU A 92 1.81 -7.00 -0.45
CA LEU A 92 2.04 -8.32 -1.02
C LEU A 92 3.26 -8.34 -1.93
N VAL A 93 3.31 -7.37 -2.87
CA VAL A 93 4.37 -7.32 -3.87
C VAL A 93 5.73 -7.10 -3.22
N TRP A 94 5.76 -6.30 -2.16
CA TRP A 94 6.96 -6.09 -1.36
C TRP A 94 7.40 -7.37 -0.64
N ARG A 95 6.46 -8.08 0.02
CA ARG A 95 6.79 -9.33 0.70
C ARG A 95 7.31 -10.38 -0.27
N SER A 96 6.84 -10.33 -1.52
CA SER A 96 7.09 -11.36 -2.51
C SER A 96 8.35 -11.12 -3.32
N MET A 97 9.04 -10.00 -3.06
CA MET A 97 10.11 -9.54 -3.94
C MET A 97 11.18 -10.62 -4.08
N GLU A 98 11.56 -11.23 -2.96
CA GLU A 98 12.67 -12.22 -2.95
C GLU A 98 12.18 -13.66 -3.12
N HIS A 99 11.01 -13.85 -3.74
CA HIS A 99 10.45 -15.15 -4.05
C HIS A 99 9.99 -15.13 -5.51
N PRO A 100 10.94 -15.09 -6.44
CA PRO A 100 10.55 -14.98 -7.86
C PRO A 100 9.52 -16.04 -8.23
N GLY A 101 8.53 -15.61 -9.01
CA GLY A 101 7.51 -16.51 -9.50
C GLY A 101 6.43 -16.89 -8.49
N LYS A 102 6.51 -16.39 -7.25
CA LYS A 102 5.54 -16.78 -6.24
C LYS A 102 5.04 -15.53 -5.51
N LEU A 103 3.90 -15.67 -4.84
CA LEU A 103 3.33 -14.55 -4.08
C LEU A 103 3.21 -14.98 -2.63
N LEU A 104 3.87 -14.23 -1.76
CA LEU A 104 3.91 -14.53 -0.33
C LEU A 104 2.72 -13.80 0.30
N PHE A 105 1.54 -14.42 0.14
CA PHE A 105 0.36 -13.92 0.83
C PHE A 105 0.57 -13.91 2.34
N ALA A 106 1.25 -14.92 2.87
CA ALA A 106 1.60 -15.05 4.28
C ALA A 106 2.77 -16.01 4.36
N PRO A 107 3.56 -15.98 5.44
CA PRO A 107 4.72 -16.90 5.52
C PRO A 107 4.34 -18.37 5.39
N ASN A 108 3.11 -18.76 5.73
CA ASN A 108 2.63 -20.12 5.52
C ASN A 108 1.70 -20.22 4.31
N LEU A 109 1.79 -19.28 3.38
CA LEU A 109 0.89 -19.33 2.21
C LEU A 109 1.62 -18.69 1.04
N LEU A 110 2.63 -19.39 0.51
CA LEU A 110 3.40 -18.91 -0.62
C LEU A 110 2.96 -19.68 -1.86
N LEU A 111 2.31 -18.99 -2.80
CA LEU A 111 1.63 -19.64 -3.91
C LEU A 111 2.28 -19.28 -5.24
N ASP A 112 2.29 -20.21 -6.18
CA ASP A 112 2.76 -19.84 -7.50
C ASP A 112 1.58 -19.67 -8.45
N ARG A 113 1.92 -19.33 -9.69
CA ARG A 113 0.95 -19.01 -10.72
C ARG A 113 -0.10 -20.10 -10.91
N ASN A 114 0.31 -21.36 -10.87
CA ASN A 114 -0.63 -22.45 -11.13
C ASN A 114 -1.69 -22.55 -10.04
N GLN A 115 -1.34 -22.24 -8.80
CA GLN A 115 -2.33 -22.29 -7.69
C GLN A 115 -3.36 -21.15 -7.82
N GLY A 116 -3.17 -20.20 -8.72
CA GLY A 116 -4.15 -19.11 -8.88
C GLY A 116 -5.15 -19.39 -10.00
N LYS A 117 -5.19 -20.60 -10.53
CA LYS A 117 -6.12 -20.93 -11.62
C LYS A 117 -7.41 -21.54 -11.05
N GLU A 120 -11.87 -18.33 -11.82
CA GLU A 120 -11.74 -17.70 -13.16
C GLU A 120 -11.29 -16.25 -12.99
N GLY A 121 -10.34 -15.80 -13.82
CA GLY A 121 -9.86 -14.40 -13.80
C GLY A 121 -8.87 -14.11 -12.67
N MET A 122 -8.44 -15.12 -11.94
CA MET A 122 -7.50 -14.88 -10.85
C MET A 122 -6.06 -14.85 -11.34
N VAL A 123 -5.68 -15.71 -12.29
CA VAL A 123 -4.27 -15.78 -12.70
C VAL A 123 -3.83 -14.50 -13.41
N GLU A 124 -4.76 -13.80 -14.06
CA GLU A 124 -4.48 -12.52 -14.72
C GLU A 124 -3.93 -11.51 -13.72
N ILE A 125 -4.65 -11.31 -12.63
CA ILE A 125 -4.16 -10.41 -11.59
C ILE A 125 -2.91 -10.97 -10.93
N PHE A 126 -2.89 -12.28 -10.71
CA PHE A 126 -1.70 -12.93 -10.18
C PHE A 126 -0.47 -12.53 -10.99
N ASP A 127 -0.56 -12.65 -12.31
CA ASP A 127 0.57 -12.37 -13.17
C ASP A 127 0.97 -10.90 -13.08
N MET A 128 0.00 -10.03 -12.87
CA MET A 128 0.30 -8.63 -12.74
C MET A 128 1.06 -8.37 -11.45
N LEU A 129 0.63 -9.01 -10.35
CA LEU A 129 1.36 -8.83 -9.09
C LEU A 129 2.79 -9.35 -9.21
N LEU A 130 2.97 -10.52 -9.81
CA LEU A 130 4.31 -11.08 -10.01
C LEU A 130 5.21 -10.14 -10.81
N ALA A 131 4.68 -9.54 -11.88
CA ALA A 131 5.50 -8.63 -12.69
C ALA A 131 5.88 -7.39 -11.90
N THR A 132 4.99 -6.91 -11.04
CA THR A 132 5.37 -5.79 -10.16
C THR A 132 6.45 -6.20 -9.19
N SER A 133 6.33 -7.40 -8.62
CA SER A 133 7.35 -7.83 -7.67
C SER A 133 8.68 -7.96 -8.39
N SER A 134 8.64 -8.41 -9.65
CA SER A 134 9.88 -8.51 -10.41
C SER A 134 10.46 -7.14 -10.73
N ARG A 135 9.59 -6.17 -11.04
CA ARG A 135 10.06 -4.82 -11.30
C ARG A 135 10.72 -4.23 -10.06
N PHE A 136 10.09 -4.41 -8.89
CA PHE A 136 10.70 -4.02 -7.63
C PHE A 136 12.06 -4.70 -7.43
N ARG A 137 12.15 -6.01 -7.77
CA ARG A 137 13.42 -6.72 -7.67
C ARG A 137 14.50 -6.06 -8.52
N MET A 138 14.21 -5.84 -9.82
CA MET A 138 15.20 -5.24 -10.72
C MET A 138 15.61 -3.84 -10.27
N MET A 139 14.69 -3.04 -9.75
CA MET A 139 15.06 -1.73 -9.22
C MET A 139 15.76 -1.79 -7.90
N ASN A 140 15.83 -2.96 -7.27
CA ASN A 140 16.35 -3.11 -5.91
C ASN A 140 15.65 -2.11 -4.98
N LEU A 141 14.32 -2.16 -4.98
CA LEU A 141 13.55 -1.30 -4.09
C LEU A 141 13.97 -1.50 -2.63
N GLN A 142 14.23 -0.40 -1.94
CA GLN A 142 14.62 -0.45 -0.53
C GLN A 142 13.41 -0.26 0.38
N GLY A 143 13.51 -0.84 1.58
CA GLY A 143 12.42 -0.74 2.54
C GLY A 143 12.03 0.68 2.90
N GLU A 144 13.00 1.58 2.89
CA GLU A 144 12.70 2.99 3.19
C GLU A 144 11.86 3.58 2.04
N GLU A 145 12.20 3.22 0.81
CA GLU A 145 11.43 3.70 -0.35
C GLU A 145 10.03 3.12 -0.35
N PHE A 146 9.89 1.84 0.06
CA PHE A 146 8.59 1.16 0.05
C PHE A 146 7.60 1.83 1.00
N VAL A 147 8.05 2.15 2.22
CA VAL A 147 7.11 2.75 3.16
C VAL A 147 6.70 4.12 2.67
N CYS A 148 7.60 4.85 1.97
CA CYS A 148 7.24 6.14 1.38
C CYS A 148 6.17 5.97 0.32
N LEU A 149 6.36 5.00 -0.56
CA LEU A 149 5.39 4.74 -1.61
C LEU A 149 4.05 4.34 -1.04
N LYS A 150 4.04 3.47 -0.02
CA LYS A 150 2.75 3.07 0.57
C LYS A 150 2.02 4.28 1.19
N SER A 151 2.76 5.19 1.83
CA SER A 151 2.14 6.41 2.32
C SER A 151 1.59 7.26 1.18
N ILE A 152 2.34 7.38 0.09
CA ILE A 152 1.85 8.15 -1.05
C ILE A 152 0.50 7.61 -1.51
N ILE A 153 0.37 6.27 -1.67
CA ILE A 153 -0.90 5.66 -2.05
C ILE A 153 -2.03 6.08 -1.13
N LEU A 154 -1.80 5.98 0.18
CA LEU A 154 -2.85 6.36 1.12
C LEU A 154 -3.32 7.79 0.88
N LEU A 155 -2.39 8.70 0.63
CA LEU A 155 -2.74 10.12 0.56
C LEU A 155 -3.26 10.51 -0.81
N ASN A 156 -2.85 9.78 -1.85
CA ASN A 156 -3.14 10.19 -3.21
C ASN A 156 -4.35 9.49 -3.82
N SER A 157 -4.64 8.23 -3.47
CA SER A 157 -5.59 7.50 -4.34
C SER A 157 -6.99 8.08 -4.25
N GLY A 158 -7.39 8.67 -3.13
CA GLY A 158 -8.70 9.26 -3.05
C GLY A 158 -8.77 10.77 -3.15
N VAL A 159 -7.65 11.46 -3.37
CA VAL A 159 -7.56 12.96 -3.29
C VAL A 159 -8.26 13.67 -4.44
N TYR A 160 -8.55 12.96 -5.52
CA TYR A 160 -9.18 13.62 -6.68
C TYR A 160 -10.66 13.28 -6.68
N THR A 161 -11.16 12.58 -5.66
CA THR A 161 -12.59 12.19 -5.64
C THR A 161 -13.30 12.69 -4.38
N PHE A 162 -12.86 13.82 -3.85
CA PHE A 162 -13.56 14.38 -2.67
C PHE A 162 -14.80 15.10 -3.19
N LEU A 163 -15.78 15.27 -2.34
CA LEU A 163 -16.97 16.04 -2.71
C LEU A 163 -16.61 17.52 -2.83
N THR A 166 -16.26 22.95 -0.10
CA THR A 166 -16.27 23.70 1.15
C THR A 166 -14.88 24.27 1.45
N LEU A 167 -14.85 25.37 2.23
CA LEU A 167 -13.57 25.92 2.66
C LEU A 167 -12.72 24.86 3.35
N LYS A 168 -13.36 24.03 4.19
CA LYS A 168 -12.63 22.96 4.87
C LYS A 168 -12.01 21.98 3.89
N SER A 169 -12.76 21.59 2.85
CA SER A 169 -12.19 20.63 1.92
C SER A 169 -11.03 21.23 1.15
N LEU A 170 -11.05 22.54 0.91
CA LEU A 170 -9.88 23.15 0.27
C LEU A 170 -8.67 23.09 1.20
N GLU A 171 -8.90 23.34 2.48
CA GLU A 171 -7.83 23.23 3.47
C GLU A 171 -7.29 21.81 3.55
N GLU A 172 -8.19 20.82 3.53
CA GLU A 172 -7.79 19.42 3.59
C GLU A 172 -6.92 19.05 2.40
N LYS A 173 -7.36 19.42 1.21
CA LYS A 173 -6.63 19.02 0.01
C LYS A 173 -5.30 19.74 -0.06
N ASP A 174 -5.23 20.98 0.42
CA ASP A 174 -3.93 21.63 0.53
C ASP A 174 -3.02 20.90 1.52
N HIS A 175 -3.57 20.49 2.66
CA HIS A 175 -2.76 19.75 3.62
C HIS A 175 -2.23 18.47 2.99
N ILE A 176 -3.10 17.73 2.30
CA ILE A 176 -2.71 16.45 1.67
C ILE A 176 -1.54 16.65 0.72
N HIS A 177 -1.60 17.71 -0.10
CA HIS A 177 -0.51 17.93 -1.05
C HIS A 177 0.77 18.38 -0.37
N ARG A 178 0.68 19.13 0.73
CA ARG A 178 1.88 19.45 1.50
C ARG A 178 2.51 18.18 2.08
N VAL A 179 1.69 17.25 2.57
CA VAL A 179 2.27 16.02 3.11
C VAL A 179 2.87 15.17 1.99
N LEU A 180 2.17 15.09 0.87
CA LEU A 180 2.76 14.41 -0.29
C LEU A 180 4.09 15.03 -0.69
N ASP A 181 4.15 16.36 -0.76
CA ASP A 181 5.41 17.02 -1.13
C ASP A 181 6.52 16.65 -0.16
N LYS A 182 6.18 16.50 1.11
CA LYS A 182 7.18 16.14 2.10
C LYS A 182 7.70 14.71 1.90
N ILE A 183 6.82 13.80 1.46
CA ILE A 183 7.27 12.44 1.15
C ILE A 183 8.13 12.45 -0.10
N THR A 184 7.79 13.28 -1.09
CA THR A 184 8.67 13.44 -2.24
C THR A 184 10.07 13.90 -1.79
N ASP A 185 10.11 14.93 -0.94
CA ASP A 185 11.39 15.38 -0.39
C ASP A 185 12.14 14.25 0.28
N THR A 186 11.43 13.41 1.05
CA THR A 186 12.05 12.30 1.75
C THR A 186 12.63 11.27 0.79
N LEU A 187 11.90 10.95 -0.28
CA LEU A 187 12.38 9.98 -1.25
C LEU A 187 13.68 10.46 -1.90
N ILE A 188 13.71 11.73 -2.31
CA ILE A 188 14.91 12.32 -2.91
C ILE A 188 16.06 12.34 -1.89
N HIS A 189 15.75 12.57 -0.62
CA HIS A 189 16.80 12.57 0.41
C HIS A 189 17.42 11.18 0.55
N LEU A 190 16.59 10.13 0.49
CA LEU A 190 17.09 8.77 0.55
C LEU A 190 17.99 8.45 -0.64
N MET A 191 17.58 8.84 -1.85
CA MET A 191 18.42 8.53 -3.01
C MET A 191 19.68 9.37 -3.03
N ALA A 192 19.61 10.60 -2.53
CA ALA A 192 20.82 11.41 -2.40
C ALA A 192 21.72 10.87 -1.31
N LYS A 193 21.12 10.29 -0.28
CA LYS A 193 21.92 9.82 0.83
C LYS A 193 22.80 8.69 0.35
N ALA A 194 22.28 7.91 -0.61
CA ALA A 194 22.92 6.71 -1.15
C ALA A 194 23.85 6.98 -2.34
N GLY A 195 24.07 8.23 -2.68
CA GLY A 195 25.06 8.60 -3.67
C GLY A 195 24.56 8.70 -5.09
N LEU A 196 23.25 8.62 -5.32
CA LEU A 196 22.76 8.80 -6.67
C LEU A 196 23.01 10.23 -7.10
N THR A 197 23.32 10.41 -8.39
CA THR A 197 23.46 11.76 -8.91
C THR A 197 22.09 12.44 -8.98
N LEU A 198 22.11 13.76 -9.14
CA LEU A 198 20.84 14.49 -9.24
C LEU A 198 20.01 13.97 -10.41
N GLN A 199 20.66 13.64 -11.53
CA GLN A 199 19.91 13.02 -12.63
C GLN A 199 19.31 11.68 -12.21
N GLN A 200 20.12 10.79 -11.63
CA GLN A 200 19.61 9.49 -11.20
C GLN A 200 18.49 9.63 -10.18
N GLN A 201 18.53 10.68 -9.35
CA GLN A 201 17.50 10.87 -8.33
C GLN A 201 16.15 11.13 -8.98
N HIS A 202 16.08 12.08 -9.92
CA HIS A 202 14.83 12.38 -10.61
C HIS A 202 14.32 11.15 -11.34
N GLN A 203 15.24 10.40 -11.97
CA GLN A 203 14.84 9.25 -12.78
C GLN A 203 14.23 8.16 -11.92
N ARG A 204 14.84 7.88 -10.76
CA ARG A 204 14.30 6.83 -9.91
C ARG A 204 13.01 7.28 -9.26
N LEU A 205 12.92 8.54 -8.85
CA LEU A 205 11.67 9.06 -8.33
C LEU A 205 10.55 8.82 -9.34
N ALA A 206 10.80 9.15 -10.61
CA ALA A 206 9.79 8.95 -11.66
C ALA A 206 9.46 7.48 -11.86
N GLN A 207 10.49 6.63 -11.95
CA GLN A 207 10.25 5.19 -12.09
C GLN A 207 9.40 4.64 -10.95
N LEU A 208 9.70 5.06 -9.71
CA LEU A 208 8.90 4.58 -8.56
C LEU A 208 7.45 5.07 -8.65
N LEU A 209 7.24 6.32 -9.04
CA LEU A 209 5.86 6.83 -9.06
C LEU A 209 5.05 6.23 -10.21
N LEU A 210 5.70 5.93 -11.33
CA LEU A 210 4.95 5.33 -12.41
C LEU A 210 4.50 3.92 -12.07
N ILE A 211 5.23 3.23 -11.20
CA ILE A 211 4.75 1.91 -10.75
C ILE A 211 3.43 2.05 -10.00
N LEU A 212 3.21 3.19 -9.33
CA LEU A 212 1.96 3.42 -8.62
C LEU A 212 0.76 3.41 -9.57
N SER A 213 0.96 3.81 -10.83
N SER A 213 0.96 3.79 -10.82
CA SER A 213 -0.15 3.77 -11.82
CA SER A 213 -0.19 3.76 -11.77
C SER A 213 -0.54 2.30 -12.04
C SER A 213 -0.56 2.30 -12.08
N HIS A 214 0.45 1.42 -12.11
CA HIS A 214 0.18 -0.02 -12.33
C HIS A 214 -0.50 -0.63 -11.10
N ILE A 215 -0.12 -0.19 -9.91
CA ILE A 215 -0.78 -0.71 -8.68
C ILE A 215 -2.25 -0.26 -8.69
N ARG A 216 -2.50 0.97 -9.11
CA ARG A 216 -3.90 1.41 -9.23
C ARG A 216 -4.62 0.49 -10.22
N HIS A 217 -3.99 0.22 -11.35
CA HIS A 217 -4.59 -0.66 -12.38
C HIS A 217 -4.97 -2.00 -11.76
N MET A 218 -4.05 -2.62 -11.06
CA MET A 218 -4.35 -3.94 -10.49
C MET A 218 -5.44 -3.86 -9.45
N SER A 219 -5.45 -2.78 -8.65
CA SER A 219 -6.54 -2.56 -7.70
C SER A 219 -7.90 -2.50 -8.40
N ASN A 220 -8.00 -1.74 -9.51
CA ASN A 220 -9.28 -1.71 -10.22
C ASN A 220 -9.65 -3.08 -10.76
N LYS A 221 -8.69 -3.78 -11.31
CA LYS A 221 -8.95 -5.16 -11.75
C LYS A 221 -9.38 -6.04 -10.59
N GLY A 222 -8.76 -5.87 -9.43
CA GLY A 222 -9.13 -6.67 -8.29
C GLY A 222 -10.49 -6.30 -7.74
N MET A 223 -10.81 -5.00 -7.71
CA MET A 223 -12.15 -4.58 -7.30
C MET A 223 -13.20 -5.17 -8.21
N GLU A 224 -12.86 -5.29 -9.49
CA GLU A 224 -13.70 -5.92 -10.50
C GLU A 224 -13.82 -7.42 -10.28
N HIS A 225 -12.71 -8.08 -9.94
CA HIS A 225 -12.66 -9.57 -9.72
C HIS A 225 -13.24 -9.94 -8.37
N LEU A 226 -13.76 -8.94 -7.62
CA LEU A 226 -14.38 -9.06 -6.29
C LEU A 226 -15.85 -8.65 -6.43
N TYR A 227 -16.36 -8.58 -7.65
CA TYR A 227 -17.77 -8.15 -7.88
C TYR A 227 -18.47 -9.13 -8.83
N VAL A 235 -15.80 -6.35 0.15
CA VAL A 235 -15.30 -4.98 0.29
C VAL A 235 -15.76 -4.25 1.57
N PRO A 236 -14.81 -3.66 2.32
CA PRO A 236 -15.18 -3.00 3.58
C PRO A 236 -16.05 -1.78 3.33
N SER A 237 -17.15 -1.68 4.09
CA SER A 237 -18.09 -0.58 3.89
C SER A 237 -17.53 0.72 4.44
N TYR A 238 -18.07 1.84 3.94
CA TYR A 238 -17.76 3.12 4.55
C TYR A 238 -18.03 3.06 6.05
N ASP A 239 -19.16 2.49 6.44
CA ASP A 239 -19.53 2.48 7.85
C ASP A 239 -18.55 1.66 8.67
N LEU A 240 -18.06 0.56 8.11
CA LEU A 240 -17.13 -0.28 8.86
C LEU A 240 -15.79 0.41 8.99
N LEU A 241 -15.33 1.08 7.91
CA LEU A 241 -14.11 1.85 7.96
C LEU A 241 -14.24 2.98 8.99
N LEU A 242 -15.37 3.70 8.92
CA LEU A 242 -15.65 4.77 9.89
C LEU A 242 -15.69 4.23 11.31
N GLU A 243 -16.33 3.07 11.53
CA GLU A 243 -16.39 2.47 12.86
C GLU A 243 -15.00 2.09 13.38
N MET A 244 -14.13 1.57 12.51
CA MET A 244 -12.78 1.24 13.01
C MET A 244 -11.95 2.52 13.17
N LEU A 245 -12.23 3.55 12.38
CA LEU A 245 -11.43 4.81 12.46
C LEU A 245 -11.98 5.74 13.54
N ASP A 246 -13.28 5.68 13.83
CA ASP A 246 -13.94 6.58 14.83
C ASP A 246 -13.73 6.05 16.24
N ALA A 247 -12.50 6.01 16.73
CA ALA A 247 -12.21 5.47 18.07
C ALA A 247 -12.43 6.48 19.19
N HIS A 248 -12.72 5.95 20.37
CA HIS A 248 -12.88 6.76 21.60
C HIS A 248 -11.52 6.91 22.33
N1 TV3 B . -5.93 -11.03 -3.09
C4 TV3 B . -3.02 -9.16 -0.38
C5 TV3 B . -4.14 -9.65 -1.28
C6 TV3 B . -5.12 -10.45 -0.83
C7 TV3 B . -4.08 -9.30 -2.87
C8 TV3 B . -5.19 -10.01 -3.70
C10 TV3 B . -6.58 -12.12 -3.84
C13 TV3 B . -6.96 -12.76 -7.62
C15 TV3 B . -4.58 -12.68 -6.98
C17 TV3 B . -7.59 -10.45 -1.45
C20 TV3 B . -10.01 -9.31 -0.78
C21 TV3 B . -8.74 -8.52 -0.71
C22 TV3 B . -7.59 -9.02 -0.99
C24 TV3 B . -5.74 -8.69 -4.31
C26 TV3 B . -12.63 -7.98 1.43
C28 TV3 B . -13.22 -7.57 3.52
C1 TV3 B . -5.10 -10.80 0.64
C11 TV3 B . -6.33 -12.32 -5.35
C12 TV3 B . -7.32 -12.47 -6.18
C14 TV3 B . -5.71 -12.82 -7.98
C16 TV3 B . -4.87 -12.45 -5.74
C18 TV3 B . -8.68 -11.18 -1.56
C19 TV3 B . -10.02 -10.55 -1.19
C2 TV3 B . -4.16 -10.32 1.44
C23 TV3 B . -5.12 -9.67 -5.19
C25 TV3 B . -12.11 -9.12 0.45
C27 TV3 B . -12.23 -8.40 2.70
C29 TV3 B . -14.11 -7.68 1.43
C3 TV3 B . -3.01 -9.45 0.92
C30 TV3 B . -15.35 -6.91 3.08
C31 TV3 B . -15.25 -6.27 4.50
C32 TV3 B . -16.58 -6.34 5.25
C9 TV3 B . -6.19 -10.98 -1.72
N2 TV3 B . -14.42 -7.65 2.75
O1 TV3 B . -2.04 -9.01 1.79
O2 TV3 B . -7.22 -12.93 -3.30
O3 TV3 B . -11.16 -8.56 -0.43
#